data_6WS0
#
_entry.id   6WS0
#
_cell.length_a   69.376
_cell.length_b   69.376
_cell.length_c   106.391
_cell.angle_alpha   90.000
_cell.angle_beta   90.000
_cell.angle_gamma   120.000
#
_symmetry.space_group_name_H-M   'P 31 2 1'
#
loop_
_entity.id
_entity.type
_entity.pdbx_description
1 polymer 'DNA repair protein REV1'
2 polymer 'Mitotic spindle assembly checkpoint protein MAD2B'
3 polymer 'DNA polymerase zeta catalytic subunit'
4 water water
#
loop_
_entity_poly.entity_id
_entity_poly.type
_entity_poly.pdbx_seq_one_letter_code
_entity_poly.pdbx_strand_id
1 'polypeptide(L)'
;GNLAGAVEFNDVKTLLREWITTISDPMEEDILQVVKYCTDLIEEKDLEKLDLVIKYMKRLMQQSVESVWNMAFDFILDNV
QVVLQQTYGSTLKVT
;
HHH
2 'polypeptide(L)'
;MGSSHHHHHHSQDPNSMTTLTRQDLNFGQVVADVLCEFLEVAVHLILYVREVYPVGIFQKRKKYNVPVQMSCHPELNQYI
QDTLHCVKPLLEKNDVEKVVVVILDKEHRPVEKFVFEITQPPLLSISSDSLLSHVEQLLAAFILKISVCDAVLDHNPPGC
TFTVLVHTREAATRNMEKIQVIKDFPWILADEQDVHMHDPRLIPLKTMTSDILKMQLYVEERAHKGS
;
CCC
3 'polypeptide(L)' MLTPTPDSSPRSTSSPSQSKNGSFTPRTANILKPLMSPPSREEIMATLLDHD ZZZ
#
# COMPACT_ATOMS: atom_id res chain seq x y z
N GLY A 1 -15.51 11.99 4.73
CA GLY A 1 -16.24 10.77 5.14
C GLY A 1 -17.62 11.05 5.71
N ASN A 2 -18.42 11.88 5.02
CA ASN A 2 -19.75 12.36 5.48
C ASN A 2 -20.89 11.65 4.74
N LEU A 3 -20.82 11.61 3.40
CA LEU A 3 -21.94 11.28 2.44
C LEU A 3 -23.32 11.50 3.08
N ALA A 4 -23.77 12.76 3.06
CA ALA A 4 -25.15 13.25 3.34
C ALA A 4 -25.68 12.75 4.69
N GLY A 5 -24.78 12.41 5.62
CA GLY A 5 -25.11 11.95 6.99
C GLY A 5 -24.26 10.77 7.44
N ALA A 6 -24.24 9.72 6.63
CA ALA A 6 -23.64 8.40 6.97
C ALA A 6 -22.12 8.48 7.10
N VAL A 7 -21.58 8.38 8.31
CA VAL A 7 -20.12 8.17 8.53
C VAL A 7 -19.84 6.68 8.28
N GLU A 8 -20.42 5.78 9.08
CA GLU A 8 -20.14 4.32 8.99
C GLU A 8 -20.28 3.94 7.51
N PHE A 9 -19.36 3.12 7.03
CA PHE A 9 -19.31 2.64 5.63
C PHE A 9 -20.62 1.95 5.24
N ASN A 10 -20.93 0.80 5.88
CA ASN A 10 -22.11 -0.05 5.53
C ASN A 10 -23.35 0.85 5.37
N ASP A 11 -23.45 1.93 6.16
CA ASP A 11 -24.52 2.96 6.05
C ASP A 11 -24.38 3.70 4.72
N VAL A 12 -23.15 4.04 4.34
CA VAL A 12 -22.83 4.69 3.02
C VAL A 12 -23.29 3.73 1.90
N LYS A 13 -22.96 2.43 2.00
CA LYS A 13 -23.32 1.43 0.96
C LYS A 13 -24.85 1.39 0.84
N THR A 14 -25.53 1.78 1.93
CA THR A 14 -26.99 1.63 2.15
C THR A 14 -27.66 2.91 1.64
N LEU A 15 -27.04 4.07 1.88
CA LEU A 15 -27.53 5.36 1.34
C LEU A 15 -27.40 5.29 -0.19
N LEU A 16 -26.35 4.64 -0.71
CA LEU A 16 -26.03 4.61 -2.16
C LEU A 16 -26.93 3.63 -2.90
N ARG A 17 -27.35 2.54 -2.26
CA ARG A 17 -28.24 1.54 -2.89
C ARG A 17 -29.63 2.18 -3.03
N GLU A 18 -30.18 2.68 -1.92
CA GLU A 18 -31.53 3.32 -1.85
C GLU A 18 -31.60 4.40 -2.92
N TRP A 19 -30.52 5.17 -3.06
CA TRP A 19 -30.40 6.32 -3.99
C TRP A 19 -30.41 5.84 -5.44
N ILE A 20 -29.55 4.88 -5.78
CA ILE A 20 -29.33 4.47 -7.19
C ILE A 20 -30.53 3.63 -7.63
N THR A 21 -31.05 2.77 -6.73
CA THR A 21 -32.04 1.72 -7.11
C THR A 21 -33.43 2.36 -7.22
N THR A 22 -33.81 3.30 -6.34
CA THR A 22 -35.20 3.83 -6.22
C THR A 22 -35.40 5.12 -7.04
N ILE A 23 -34.34 5.81 -7.50
CA ILE A 23 -34.42 7.15 -8.13
C ILE A 23 -33.82 7.07 -9.54
N SER A 24 -34.61 7.38 -10.57
CA SER A 24 -34.31 7.09 -11.98
C SER A 24 -33.71 8.32 -12.69
N ASP A 25 -33.75 9.50 -12.07
CA ASP A 25 -32.89 10.63 -12.53
C ASP A 25 -32.30 11.36 -11.33
N PRO A 26 -31.03 11.07 -10.95
CA PRO A 26 -30.40 11.74 -9.82
C PRO A 26 -30.16 13.22 -10.14
N MET A 27 -30.37 14.08 -9.15
CA MET A 27 -29.96 15.50 -9.24
C MET A 27 -28.43 15.60 -9.25
N GLU A 28 -27.91 16.47 -10.12
CA GLU A 28 -26.47 16.70 -10.29
C GLU A 28 -25.85 16.97 -8.90
N GLU A 29 -26.60 17.61 -8.02
CA GLU A 29 -26.07 18.01 -6.69
C GLU A 29 -25.58 16.78 -5.96
N ASP A 30 -26.30 15.66 -6.09
CA ASP A 30 -26.06 14.44 -5.29
C ASP A 30 -24.88 13.70 -5.92
N ILE A 31 -24.82 13.73 -7.26
CA ILE A 31 -23.65 13.16 -7.95
C ILE A 31 -22.39 13.90 -7.46
N LEU A 32 -22.43 15.23 -7.31
CA LEU A 32 -21.24 16.04 -6.93
C LEU A 32 -20.85 15.70 -5.49
N GLN A 33 -21.86 15.49 -4.65
CA GLN A 33 -21.72 15.06 -3.25
C GLN A 33 -20.98 13.70 -3.22
N VAL A 34 -21.20 12.81 -4.18
CA VAL A 34 -20.47 11.51 -4.14
C VAL A 34 -19.05 11.78 -4.60
N VAL A 35 -18.86 12.61 -5.61
CA VAL A 35 -17.46 12.93 -5.98
C VAL A 35 -16.69 13.51 -4.77
N LYS A 36 -17.24 14.47 -4.04
CA LYS A 36 -16.58 15.12 -2.87
C LYS A 36 -16.35 14.10 -1.75
N TYR A 37 -17.35 13.28 -1.46
CA TYR A 37 -17.17 12.07 -0.61
C TYR A 37 -15.93 11.30 -1.11
N CYS A 38 -15.85 10.92 -2.37
CA CYS A 38 -14.69 10.11 -2.85
C CYS A 38 -13.36 10.88 -2.69
N THR A 39 -13.30 12.17 -3.04
CA THR A 39 -12.01 12.93 -2.95
C THR A 39 -11.62 13.12 -1.49
N ASP A 40 -12.60 13.22 -0.57
CA ASP A 40 -12.36 13.32 0.89
C ASP A 40 -11.72 12.02 1.37
N LEU A 41 -12.23 10.86 0.94
CA LEU A 41 -11.56 9.59 1.25
C LEU A 41 -10.09 9.68 0.82
N ILE A 42 -9.80 10.31 -0.31
CA ILE A 42 -8.37 10.44 -0.72
C ILE A 42 -7.61 11.28 0.31
N GLU A 43 -8.00 12.52 0.60
CA GLU A 43 -7.35 13.37 1.66
C GLU A 43 -7.12 12.62 2.98
N GLU A 44 -8.08 11.78 3.39
CA GLU A 44 -8.15 11.20 4.76
C GLU A 44 -7.40 9.87 4.79
N LYS A 45 -6.89 9.45 3.64
CA LYS A 45 -5.97 8.32 3.47
C LYS A 45 -6.73 6.99 3.65
N ASP A 46 -7.92 6.86 3.02
CA ASP A 46 -8.71 5.59 3.02
C ASP A 46 -8.93 5.13 1.57
N LEU A 47 -7.88 4.65 0.91
CA LEU A 47 -7.95 4.13 -0.48
C LEU A 47 -8.75 2.81 -0.51
N GLU A 48 -8.88 2.10 0.62
CA GLU A 48 -9.57 0.79 0.61
C GLU A 48 -11.04 1.08 0.49
N LYS A 49 -11.57 1.93 1.35
CA LYS A 49 -12.97 2.40 1.23
C LYS A 49 -13.16 2.91 -0.20
N LEU A 50 -12.35 3.89 -0.61
CA LEU A 50 -12.44 4.45 -2.00
C LEU A 50 -12.63 3.29 -2.99
N ASP A 51 -11.83 2.25 -2.92
CA ASP A 51 -11.89 1.13 -3.87
C ASP A 51 -13.25 0.44 -3.69
N LEU A 52 -13.65 0.21 -2.45
CA LEU A 52 -14.89 -0.56 -2.20
C LEU A 52 -16.07 0.29 -2.70
N VAL A 53 -16.14 1.58 -2.36
CA VAL A 53 -17.18 2.52 -2.87
C VAL A 53 -17.22 2.47 -4.42
N ILE A 54 -16.08 2.59 -5.09
CA ILE A 54 -16.12 2.62 -6.59
C ILE A 54 -16.74 1.28 -7.02
N LYS A 55 -16.23 0.16 -6.47
CA LYS A 55 -16.70 -1.20 -6.88
C LYS A 55 -18.22 -1.32 -6.65
N TYR A 56 -18.73 -0.91 -5.50
CA TYR A 56 -20.17 -1.02 -5.17
C TYR A 56 -20.93 -0.20 -6.20
N MET A 57 -20.54 1.07 -6.39
CA MET A 57 -21.26 2.00 -7.30
C MET A 57 -21.20 1.46 -8.73
N LYS A 58 -20.09 0.89 -9.18
CA LYS A 58 -19.91 0.46 -10.58
C LYS A 58 -20.94 -0.65 -10.86
N ARG A 59 -21.21 -1.51 -9.87
CA ARG A 59 -22.12 -2.68 -9.98
C ARG A 59 -23.52 -2.11 -10.20
N LEU A 60 -24.00 -1.33 -9.23
CA LEU A 60 -25.38 -0.79 -9.15
C LEU A 60 -25.65 0.13 -10.33
N MET A 61 -24.68 0.99 -10.66
CA MET A 61 -24.92 2.06 -11.65
C MET A 61 -24.87 1.44 -13.04
N GLN A 62 -24.09 0.38 -13.22
CA GLN A 62 -23.90 -0.17 -14.59
C GLN A 62 -25.03 -1.13 -14.87
N GLN A 63 -25.72 -1.62 -13.83
CA GLN A 63 -26.84 -2.61 -13.92
C GLN A 63 -28.15 -1.87 -14.18
N SER A 64 -28.22 -0.56 -13.92
CA SER A 64 -29.40 0.28 -14.19
C SER A 64 -29.84 0.16 -15.66
N VAL A 65 -31.15 0.01 -15.85
CA VAL A 65 -31.86 0.33 -17.12
C VAL A 65 -31.45 1.75 -17.55
N GLU A 66 -31.55 2.72 -16.62
CA GLU A 66 -31.46 4.18 -16.93
C GLU A 66 -30.01 4.55 -17.21
N SER A 67 -29.75 5.05 -18.44
CA SER A 67 -28.40 5.19 -19.02
C SER A 67 -27.63 6.31 -18.31
N VAL A 68 -28.35 7.06 -17.46
CA VAL A 68 -27.94 8.31 -16.74
C VAL A 68 -27.02 7.88 -15.61
N TRP A 69 -27.31 6.68 -15.09
CA TRP A 69 -26.56 6.14 -13.94
C TRP A 69 -25.23 5.63 -14.47
N ASN A 70 -25.18 5.23 -15.74
CA ASN A 70 -23.95 4.74 -16.41
C ASN A 70 -23.01 5.94 -16.56
N MET A 71 -23.49 7.02 -17.17
CA MET A 71 -22.75 8.29 -17.39
C MET A 71 -22.45 8.98 -16.05
N ALA A 72 -23.30 8.85 -15.02
CA ALA A 72 -22.96 9.37 -13.67
C ALA A 72 -21.74 8.60 -13.16
N PHE A 73 -21.68 7.27 -13.31
CA PHE A 73 -20.49 6.52 -12.83
C PHE A 73 -19.24 6.99 -13.58
N ASP A 74 -19.31 7.18 -14.89
CA ASP A 74 -18.10 7.57 -15.66
C ASP A 74 -17.62 8.91 -15.08
N PHE A 75 -18.59 9.78 -14.78
CA PHE A 75 -18.31 11.17 -14.39
C PHE A 75 -17.58 11.12 -13.03
N ILE A 76 -18.13 10.37 -12.10
CA ILE A 76 -17.57 10.19 -10.74
C ILE A 76 -16.14 9.68 -10.84
N LEU A 77 -15.96 8.58 -11.51
CA LEU A 77 -14.61 8.01 -11.61
C LEU A 77 -13.67 9.01 -12.29
N ASP A 78 -14.13 9.75 -13.32
CA ASP A 78 -13.20 10.63 -14.07
C ASP A 78 -12.61 11.63 -13.07
N ASN A 79 -13.44 12.15 -12.17
CA ASN A 79 -13.05 13.22 -11.22
C ASN A 79 -12.25 12.60 -10.08
N VAL A 80 -12.37 11.29 -9.82
CA VAL A 80 -11.53 10.61 -8.79
C VAL A 80 -10.16 10.35 -9.42
N GLN A 81 -10.10 9.80 -10.63
CA GLN A 81 -8.82 9.47 -11.28
C GLN A 81 -7.90 10.72 -11.31
N VAL A 82 -8.39 11.90 -11.67
CA VAL A 82 -7.54 13.11 -11.88
C VAL A 82 -6.98 13.52 -10.52
N VAL A 83 -7.72 13.29 -9.44
CA VAL A 83 -7.20 13.57 -8.07
C VAL A 83 -6.11 12.52 -7.75
N LEU A 84 -6.36 11.25 -8.04
CA LEU A 84 -5.40 10.17 -7.70
C LEU A 84 -4.08 10.39 -8.47
N GLN A 85 -4.18 10.77 -9.76
CA GLN A 85 -3.03 10.98 -10.68
C GLN A 85 -2.05 11.95 -10.03
N GLN A 86 -2.58 12.98 -9.37
CA GLN A 86 -1.75 14.02 -8.75
C GLN A 86 -1.37 13.62 -7.34
N THR A 87 -2.30 13.16 -6.50
CA THR A 87 -1.99 12.92 -5.06
C THR A 87 -1.16 11.65 -4.90
N TYR A 88 -1.28 10.68 -5.79
CA TYR A 88 -0.63 9.34 -5.67
C TYR A 88 0.21 8.99 -6.91
N GLY A 89 0.24 9.82 -7.96
CA GLY A 89 0.99 9.45 -9.17
C GLY A 89 0.34 8.28 -9.93
N SER A 90 -0.92 7.96 -9.71
CA SER A 90 -1.50 6.74 -10.33
C SER A 90 -3.01 6.80 -10.47
N THR A 91 -3.51 5.81 -11.16
CA THR A 91 -4.91 5.68 -11.58
C THR A 91 -5.47 4.44 -10.87
N LEU A 92 -6.68 4.56 -10.30
CA LEU A 92 -7.33 3.39 -9.66
C LEU A 92 -7.56 2.33 -10.74
N LYS A 93 -7.18 1.08 -10.46
CA LYS A 93 -7.52 -0.08 -11.33
C LYS A 93 -9.03 -0.37 -11.21
N VAL A 94 -9.68 -0.31 -12.38
CA VAL A 94 -11.14 -0.37 -12.76
C VAL A 94 -12.01 0.38 -11.75
N GLY B 28 4.50 7.14 21.98
CA GLY B 28 3.88 5.97 21.29
C GLY B 28 4.85 5.32 20.33
N GLN B 29 6.09 5.08 20.78
CA GLN B 29 7.20 4.42 20.02
C GLN B 29 6.95 2.91 20.01
N VAL B 30 5.94 2.45 20.76
CA VAL B 30 5.42 1.07 20.58
C VAL B 30 5.11 0.85 19.10
N VAL B 31 4.52 1.85 18.43
CA VAL B 31 4.13 1.81 16.99
C VAL B 31 5.34 1.35 16.19
N ALA B 32 6.52 1.91 16.46
CA ALA B 32 7.75 1.54 15.72
C ALA B 32 8.05 0.06 15.95
N ASP B 33 8.07 -0.36 17.21
CA ASP B 33 8.27 -1.78 17.58
C ASP B 33 7.23 -2.63 16.84
N VAL B 34 5.94 -2.28 16.87
CA VAL B 34 4.83 -3.06 16.20
C VAL B 34 4.98 -3.04 14.67
N LEU B 35 5.22 -1.85 14.12
CA LEU B 35 5.29 -1.67 12.65
C LEU B 35 6.46 -2.47 12.12
N CYS B 36 7.62 -2.44 12.79
CA CYS B 36 8.85 -3.11 12.28
C CYS B 36 8.67 -4.63 12.28
N GLU B 37 8.08 -5.16 13.33
CA GLU B 37 7.65 -6.58 13.36
C GLU B 37 6.73 -6.84 12.15
N PHE B 38 5.66 -6.07 12.02
CA PHE B 38 4.70 -6.28 10.90
C PHE B 38 5.39 -6.15 9.56
N LEU B 39 6.18 -5.09 9.37
CA LEU B 39 6.77 -4.85 8.02
C LEU B 39 7.70 -6.03 7.67
N GLU B 40 8.44 -6.55 8.64
CA GLU B 40 9.37 -7.67 8.34
C GLU B 40 8.56 -8.86 7.83
N VAL B 41 7.48 -9.21 8.55
CA VAL B 41 6.53 -10.29 8.16
C VAL B 41 5.93 -9.96 6.77
N ALA B 42 5.51 -8.71 6.50
CA ALA B 42 4.84 -8.34 5.22
C ALA B 42 5.85 -8.43 4.06
N VAL B 43 7.11 -8.05 4.28
CA VAL B 43 8.16 -8.16 3.21
C VAL B 43 8.36 -9.63 2.86
N HIS B 44 8.51 -10.50 3.86
CA HIS B 44 8.71 -11.95 3.57
C HIS B 44 7.54 -12.52 2.76
N LEU B 45 6.33 -12.24 3.18
CA LEU B 45 5.09 -12.70 2.51
C LEU B 45 5.02 -12.13 1.08
N ILE B 46 5.34 -10.83 0.92
CA ILE B 46 5.32 -10.15 -0.41
C ILE B 46 6.26 -10.92 -1.33
N LEU B 47 7.45 -11.32 -0.86
CA LEU B 47 8.36 -12.03 -1.80
C LEU B 47 7.86 -13.48 -2.05
N TYR B 48 7.21 -14.11 -1.05
CA TYR B 48 6.51 -15.41 -1.26
C TYR B 48 5.48 -15.23 -2.39
N VAL B 49 4.49 -14.38 -2.18
CA VAL B 49 3.27 -14.28 -3.02
C VAL B 49 3.59 -13.78 -4.43
N ARG B 50 4.63 -12.95 -4.62
CA ARG B 50 5.03 -12.38 -5.95
C ARG B 50 6.15 -13.20 -6.60
N GLU B 51 6.65 -14.25 -5.91
CA GLU B 51 7.60 -15.25 -6.47
C GLU B 51 8.94 -14.62 -6.80
N VAL B 52 9.43 -13.68 -5.97
CA VAL B 52 10.79 -13.12 -6.18
C VAL B 52 11.78 -14.22 -5.87
N TYR B 53 11.38 -15.15 -5.02
CA TYR B 53 12.29 -16.22 -4.53
C TYR B 53 11.56 -17.55 -4.59
N PRO B 54 12.29 -18.66 -4.86
CA PRO B 54 11.79 -20.02 -4.78
C PRO B 54 10.92 -20.38 -3.57
N VAL B 55 9.85 -21.13 -3.82
CA VAL B 55 8.97 -21.72 -2.78
C VAL B 55 9.83 -22.57 -1.82
N GLY B 56 10.91 -23.17 -2.36
CA GLY B 56 11.84 -24.05 -1.62
C GLY B 56 12.74 -23.32 -0.63
N ILE B 57 12.41 -22.10 -0.19
CA ILE B 57 13.12 -21.43 0.95
C ILE B 57 12.11 -20.93 1.97
N PHE B 58 10.82 -21.04 1.69
CA PHE B 58 9.82 -20.55 2.65
C PHE B 58 9.35 -21.70 3.55
N GLN B 59 8.92 -21.28 4.74
CA GLN B 59 8.44 -22.12 5.84
C GLN B 59 7.40 -21.30 6.52
N LYS B 60 6.26 -21.89 6.90
CA LYS B 60 5.12 -21.17 7.50
C LYS B 60 5.34 -21.08 9.02
N ARG B 61 4.73 -20.07 9.62
CA ARG B 61 4.99 -19.58 10.99
C ARG B 61 3.74 -18.79 11.32
N LYS B 62 3.43 -18.57 12.59
CA LYS B 62 2.19 -17.85 12.99
C LYS B 62 2.54 -16.46 13.53
N LYS B 63 1.95 -15.43 12.91
CA LYS B 63 1.98 -14.03 13.39
C LYS B 63 0.54 -13.55 13.32
N TYR B 64 0.07 -12.88 14.35
CA TYR B 64 -1.22 -12.14 14.28
C TYR B 64 -2.37 -13.17 14.32
N ASN B 65 -2.04 -14.41 14.75
CA ASN B 65 -2.91 -15.62 14.88
C ASN B 65 -3.49 -15.95 13.51
N VAL B 66 -2.92 -15.32 12.49
CA VAL B 66 -3.01 -15.70 11.06
C VAL B 66 -1.69 -16.37 10.74
N PRO B 67 -1.59 -17.30 9.77
CA PRO B 67 -0.28 -17.80 9.38
C PRO B 67 0.36 -16.74 8.47
N VAL B 68 1.65 -16.91 8.24
CA VAL B 68 2.48 -16.11 7.30
C VAL B 68 3.49 -17.12 6.80
N GLN B 69 4.24 -16.81 5.75
CA GLN B 69 5.28 -17.68 5.12
C GLN B 69 6.60 -16.91 5.05
N MET B 70 7.54 -17.26 5.92
CA MET B 70 8.81 -16.53 6.13
C MET B 70 9.93 -17.30 5.43
N SER B 71 10.97 -16.60 4.97
CA SER B 71 12.20 -17.16 4.38
C SER B 71 13.05 -17.78 5.49
N CYS B 72 13.89 -18.75 5.15
CA CYS B 72 14.81 -19.47 6.04
C CYS B 72 16.19 -19.39 5.40
N HIS B 73 16.35 -18.52 4.42
CA HIS B 73 17.67 -18.21 3.79
C HIS B 73 18.33 -17.13 4.63
N PRO B 74 19.54 -17.38 5.19
CA PRO B 74 20.20 -16.40 6.07
C PRO B 74 20.52 -15.07 5.37
N GLU B 75 21.16 -15.06 4.20
CA GLU B 75 21.52 -13.79 3.52
C GLU B 75 20.27 -12.94 3.30
N LEU B 76 19.19 -13.54 2.81
CA LEU B 76 17.94 -12.82 2.55
C LEU B 76 17.36 -12.37 3.88
N ASN B 77 17.33 -13.23 4.88
CA ASN B 77 16.77 -12.80 6.18
C ASN B 77 17.60 -11.60 6.69
N GLN B 78 18.93 -11.61 6.51
CA GLN B 78 19.83 -10.57 7.11
C GLN B 78 19.50 -9.24 6.43
N TYR B 79 19.25 -9.28 5.12
CA TYR B 79 18.99 -8.07 4.28
C TYR B 79 17.69 -7.45 4.80
N ILE B 80 16.70 -8.27 5.11
CA ILE B 80 15.38 -7.74 5.53
C ILE B 80 15.51 -7.18 6.96
N GLN B 81 16.16 -7.92 7.86
CA GLN B 81 16.39 -7.47 9.27
C GLN B 81 17.33 -6.26 9.26
N ASP B 82 18.39 -6.24 8.45
CA ASP B 82 19.30 -5.06 8.41
C ASP B 82 18.47 -3.81 8.07
N THR B 83 17.59 -3.94 7.06
CA THR B 83 16.75 -2.83 6.54
C THR B 83 15.82 -2.30 7.63
N LEU B 84 15.09 -3.20 8.28
CA LEU B 84 14.08 -2.77 9.29
C LEU B 84 14.77 -2.39 10.60
N HIS B 85 15.95 -2.92 10.89
CA HIS B 85 16.74 -2.37 12.03
C HIS B 85 16.99 -0.85 11.82
N CYS B 86 17.43 -0.45 10.63
CA CYS B 86 17.78 0.97 10.33
C CYS B 86 16.52 1.87 10.27
N VAL B 87 15.36 1.36 9.82
CA VAL B 87 14.08 2.14 9.69
C VAL B 87 13.49 2.39 11.07
N LYS B 88 13.60 1.45 12.01
CA LYS B 88 12.81 1.52 13.28
C LYS B 88 12.96 2.89 13.94
N PRO B 89 14.17 3.47 14.09
CA PRO B 89 14.26 4.75 14.79
C PRO B 89 13.64 5.95 14.06
N LEU B 90 13.51 5.90 12.73
CA LEU B 90 12.84 6.97 11.98
C LEU B 90 11.34 6.85 12.30
N LEU B 91 10.87 5.61 12.41
CA LEU B 91 9.49 5.30 12.84
C LEU B 91 9.28 5.83 14.24
N GLU B 92 10.30 5.71 15.10
CA GLU B 92 10.17 6.15 16.51
C GLU B 92 9.72 7.62 16.50
N LYS B 93 10.23 8.46 15.61
CA LYS B 93 9.94 9.92 15.64
C LYS B 93 8.81 10.23 14.66
N ASN B 94 8.14 9.22 14.14
CA ASN B 94 7.12 9.41 13.07
C ASN B 94 7.71 10.27 11.93
N ASP B 95 8.95 9.99 11.50
CA ASP B 95 9.60 10.73 10.38
C ASP B 95 9.47 9.97 9.02
N VAL B 96 8.73 8.87 8.96
CA VAL B 96 8.53 8.08 7.71
C VAL B 96 7.08 8.26 7.27
N GLU B 97 6.90 8.71 6.03
CA GLU B 97 5.60 8.78 5.32
C GLU B 97 5.23 7.42 4.70
N LYS B 98 6.21 6.72 4.13
CA LYS B 98 5.99 5.48 3.36
C LYS B 98 7.19 4.56 3.58
N VAL B 99 6.94 3.29 3.87
CA VAL B 99 7.89 2.18 3.60
C VAL B 99 7.35 1.41 2.42
N VAL B 100 8.19 1.25 1.40
CA VAL B 100 7.83 0.67 0.06
C VAL B 100 8.72 -0.52 -0.27
N VAL B 101 8.10 -1.67 -0.60
CA VAL B 101 8.77 -2.87 -1.18
C VAL B 101 8.60 -2.72 -2.69
N VAL B 102 9.70 -2.53 -3.40
CA VAL B 102 9.75 -2.38 -4.87
C VAL B 102 10.24 -3.68 -5.49
N ILE B 103 9.43 -4.20 -6.39
CA ILE B 103 9.78 -5.29 -7.34
C ILE B 103 10.41 -4.68 -8.59
N LEU B 104 11.65 -5.09 -8.86
CA LEU B 104 12.48 -4.65 -9.99
C LEU B 104 12.59 -5.81 -10.97
N ASP B 105 12.95 -5.57 -12.25
CA ASP B 105 12.51 -6.44 -13.38
C ASP B 105 13.57 -7.36 -13.98
N LYS B 106 14.87 -7.06 -13.85
CA LYS B 106 15.97 -7.74 -14.59
C LYS B 106 16.78 -6.64 -15.25
N GLU B 107 16.13 -5.50 -15.43
CA GLU B 107 16.72 -4.21 -15.87
C GLU B 107 16.78 -3.26 -14.66
N HIS B 108 16.47 -3.75 -13.45
CA HIS B 108 16.55 -2.96 -12.19
C HIS B 108 15.61 -1.75 -12.24
N ARG B 109 14.51 -1.91 -12.98
N ARG B 109 14.51 -1.86 -12.97
CA ARG B 109 13.39 -0.94 -13.18
CA ARG B 109 13.52 -0.76 -12.99
C ARG B 109 12.20 -1.37 -12.36
C ARG B 109 12.21 -1.31 -12.41
N PRO B 110 11.56 -0.47 -11.58
CA PRO B 110 10.37 -0.88 -10.84
C PRO B 110 9.27 -1.37 -11.78
N VAL B 111 8.59 -2.42 -11.32
CA VAL B 111 7.48 -3.08 -12.06
C VAL B 111 6.26 -3.11 -11.13
N GLU B 112 6.47 -3.23 -9.82
CA GLU B 112 5.37 -3.04 -8.85
C GLU B 112 5.96 -2.62 -7.51
N LYS B 113 5.14 -1.90 -6.77
CA LYS B 113 5.50 -1.30 -5.48
C LYS B 113 4.38 -1.62 -4.50
N PHE B 114 4.74 -2.17 -3.34
CA PHE B 114 3.85 -2.32 -2.18
C PHE B 114 4.16 -1.18 -1.24
N VAL B 115 3.26 -0.22 -1.09
CA VAL B 115 3.48 1.04 -0.35
C VAL B 115 2.78 0.86 0.99
N PHE B 116 3.52 0.90 2.09
CA PHE B 116 2.98 1.06 3.46
C PHE B 116 3.03 2.55 3.78
N GLU B 117 1.88 3.21 3.66
CA GLU B 117 1.73 4.64 3.94
C GLU B 117 1.33 4.75 5.40
N ILE B 118 2.08 5.54 6.13
CA ILE B 118 1.98 5.63 7.60
C ILE B 118 1.62 7.06 8.00
N THR B 119 0.54 7.24 8.75
CA THR B 119 0.23 8.48 9.53
C THR B 119 0.13 8.09 11.02
N GLN B 120 0.67 8.88 11.97
CA GLN B 120 0.70 8.51 13.43
C GLN B 120 0.10 9.63 14.28
N ILE B 126 -1.55 7.22 25.39
CA ILE B 126 -2.70 6.68 26.17
C ILE B 126 -3.97 7.47 25.82
N ASP B 129 -7.44 5.72 25.52
CA ASP B 129 -8.23 4.53 25.07
C ASP B 129 -7.30 3.58 24.32
N SER B 130 -6.32 3.01 25.04
CA SER B 130 -5.14 2.27 24.48
C SER B 130 -5.43 0.76 24.42
N LEU B 131 -5.69 0.22 23.23
CA LEU B 131 -5.87 -1.25 23.02
C LEU B 131 -4.78 -1.76 22.07
N LEU B 132 -3.54 -1.47 22.42
CA LEU B 132 -2.35 -1.99 21.70
C LEU B 132 -2.57 -3.44 21.28
N SER B 133 -3.16 -4.27 22.16
CA SER B 133 -3.38 -5.73 21.95
C SER B 133 -4.32 -5.95 20.75
N HIS B 134 -5.30 -5.06 20.55
CA HIS B 134 -6.31 -5.12 19.46
C HIS B 134 -5.74 -4.61 18.13
N VAL B 135 -4.82 -3.63 18.19
CA VAL B 135 -4.18 -3.05 16.98
C VAL B 135 -3.35 -4.13 16.29
N GLU B 136 -2.57 -4.92 17.04
CA GLU B 136 -1.70 -5.98 16.45
C GLU B 136 -2.55 -6.96 15.64
N GLN B 137 -3.82 -7.14 16.00
CA GLN B 137 -4.71 -8.14 15.37
C GLN B 137 -5.40 -7.55 14.14
N LEU B 138 -5.74 -6.26 14.16
CA LEU B 138 -6.07 -5.44 12.95
C LEU B 138 -4.98 -5.57 11.88
N LEU B 139 -3.74 -5.91 12.25
CA LEU B 139 -2.64 -6.08 11.25
C LEU B 139 -2.84 -7.40 10.53
N ALA B 140 -3.56 -8.36 11.11
CA ALA B 140 -3.76 -9.68 10.46
C ALA B 140 -4.46 -9.52 9.10
N ALA B 141 -5.39 -8.57 9.00
CA ALA B 141 -6.22 -8.37 7.79
C ALA B 141 -5.31 -7.93 6.63
N PHE B 142 -4.14 -7.34 6.94
CA PHE B 142 -3.13 -6.90 5.95
C PHE B 142 -2.55 -8.15 5.34
N ILE B 143 -2.28 -9.11 6.22
CA ILE B 143 -1.58 -10.38 5.87
C ILE B 143 -2.46 -11.23 4.92
N LEU B 144 -3.75 -11.27 5.20
CA LEU B 144 -4.75 -12.06 4.43
C LEU B 144 -4.96 -11.36 3.07
N LYS B 145 -5.10 -10.02 3.06
CA LYS B 145 -5.14 -9.24 1.78
C LYS B 145 -3.85 -9.53 1.01
N ILE B 146 -2.68 -9.52 1.65
CA ILE B 146 -1.40 -9.69 0.87
C ILE B 146 -1.39 -11.08 0.25
N SER B 147 -1.68 -12.10 1.07
CA SER B 147 -1.70 -13.55 0.74
C SER B 147 -2.49 -13.82 -0.55
N VAL B 148 -3.62 -13.15 -0.79
CA VAL B 148 -4.51 -13.35 -1.98
C VAL B 148 -4.35 -12.24 -3.06
N CYS B 149 -3.20 -11.57 -3.22
CA CYS B 149 -3.18 -10.29 -4.01
C CYS B 149 -2.76 -10.53 -5.47
N ASP B 150 -2.08 -11.66 -5.77
CA ASP B 150 -1.85 -12.19 -7.14
C ASP B 150 -3.17 -12.33 -7.93
N ALA B 151 -4.31 -12.47 -7.25
CA ALA B 151 -5.63 -12.46 -7.90
C ALA B 151 -5.72 -11.17 -8.73
N VAL B 152 -5.42 -10.02 -8.10
CA VAL B 152 -5.85 -8.66 -8.58
C VAL B 152 -4.68 -7.89 -9.22
N LEU B 153 -3.58 -8.59 -9.53
CA LEU B 153 -2.30 -8.04 -10.02
C LEU B 153 -1.90 -8.80 -11.28
N ASP B 154 -1.25 -8.16 -12.26
CA ASP B 154 -0.73 -8.87 -13.46
C ASP B 154 0.52 -9.67 -13.08
N HIS B 155 0.84 -10.70 -13.86
CA HIS B 155 2.11 -11.46 -13.70
C HIS B 155 3.30 -10.49 -13.86
N ASN B 156 4.38 -10.73 -13.12
CA ASN B 156 5.66 -9.96 -13.23
C ASN B 156 6.51 -10.58 -14.32
N PRO B 157 7.46 -9.87 -14.94
CA PRO B 157 8.38 -10.53 -15.87
C PRO B 157 9.26 -11.47 -15.04
N PRO B 158 9.81 -12.53 -15.67
CA PRO B 158 10.70 -13.43 -14.95
C PRO B 158 11.94 -12.63 -14.57
N GLY B 159 12.62 -13.03 -13.49
CA GLY B 159 13.96 -12.55 -13.12
C GLY B 159 13.91 -11.31 -12.25
N CYS B 160 12.79 -11.08 -11.58
CA CYS B 160 12.62 -9.91 -10.69
C CYS B 160 13.48 -10.10 -9.42
N THR B 161 13.90 -8.98 -8.87
CA THR B 161 14.51 -8.83 -7.53
C THR B 161 13.61 -7.84 -6.77
N PHE B 162 14.11 -7.26 -5.69
CA PHE B 162 13.41 -6.18 -4.97
C PHE B 162 14.41 -5.25 -4.31
N THR B 163 13.86 -4.21 -3.75
CA THR B 163 14.57 -3.31 -2.84
C THR B 163 13.55 -2.66 -1.93
N VAL B 164 14.03 -1.77 -1.05
CA VAL B 164 13.17 -1.12 -0.04
C VAL B 164 13.49 0.37 -0.14
N LEU B 165 12.43 1.18 -0.24
CA LEU B 165 12.51 2.65 -0.25
C LEU B 165 11.80 3.09 1.02
N VAL B 166 12.38 4.10 1.63
CA VAL B 166 11.85 4.78 2.84
C VAL B 166 11.68 6.25 2.48
N HIS B 167 10.44 6.71 2.36
CA HIS B 167 10.10 8.14 2.08
C HIS B 167 9.95 8.84 3.41
N THR B 168 10.77 9.85 3.67
CA THR B 168 10.69 10.61 4.95
C THR B 168 9.66 11.73 4.80
N ARG B 169 9.03 12.14 5.89
CA ARG B 169 8.08 13.29 5.92
C ARG B 169 8.80 14.58 5.48
N GLU B 170 10.01 14.82 5.97
CA GLU B 170 10.83 15.96 5.51
C GLU B 170 12.25 15.43 5.32
N ALA B 171 12.97 16.09 4.42
CA ALA B 171 14.41 15.85 4.17
C ALA B 171 15.16 16.38 5.40
N ALA B 172 15.63 15.51 6.28
CA ALA B 172 16.27 15.92 7.54
C ALA B 172 17.54 15.10 7.77
N THR B 173 18.61 15.83 8.01
CA THR B 173 19.94 15.36 8.44
C THR B 173 19.74 14.24 9.46
N ARG B 174 18.83 14.42 10.42
CA ARG B 174 18.64 13.47 11.53
C ARG B 174 18.22 12.12 10.95
N ASN B 175 17.43 12.10 9.88
CA ASN B 175 16.94 10.83 9.29
C ASN B 175 18.12 9.92 8.95
N MET B 176 19.13 10.47 8.31
CA MET B 176 20.25 9.71 7.71
C MET B 176 21.30 9.42 8.78
N GLU B 177 21.52 10.32 9.74
CA GLU B 177 22.30 10.03 10.98
C GLU B 177 21.74 8.77 11.66
N LYS B 178 20.42 8.61 11.72
CA LYS B 178 19.82 7.49 12.49
C LYS B 178 19.92 6.19 11.68
N ILE B 179 19.96 6.26 10.35
CA ILE B 179 19.75 5.05 9.48
C ILE B 179 21.07 4.34 9.18
N GLN B 180 22.24 4.98 9.35
CA GLN B 180 23.60 4.45 9.06
C GLN B 180 24.22 3.87 10.33
N VAL B 181 23.66 2.82 10.94
CA VAL B 181 24.19 2.22 12.19
C VAL B 181 24.73 0.81 11.93
N ILE B 182 24.41 0.24 10.79
CA ILE B 182 24.90 -1.12 10.48
C ILE B 182 26.09 -0.94 9.52
N LYS B 183 27.31 -1.35 9.90
CA LYS B 183 28.45 -1.28 8.97
C LYS B 183 28.35 -2.42 7.96
N ASP B 184 28.70 -2.14 6.73
CA ASP B 184 28.45 -3.06 5.58
C ASP B 184 26.99 -2.91 5.12
N PHE B 185 26.15 -2.06 5.73
CA PHE B 185 24.74 -1.87 5.27
C PHE B 185 24.42 -0.38 5.15
N PRO B 186 25.14 0.36 4.31
CA PRO B 186 24.90 1.81 4.25
C PRO B 186 23.64 2.10 3.44
N TRP B 187 23.07 3.27 3.69
CA TRP B 187 21.96 3.81 2.88
C TRP B 187 22.45 4.98 2.00
N ILE B 188 21.72 5.21 0.92
CA ILE B 188 21.90 6.34 -0.02
C ILE B 188 20.55 7.02 -0.28
N LEU B 189 20.60 8.22 -0.80
CA LEU B 189 19.40 8.93 -1.30
C LEU B 189 19.10 8.38 -2.69
N ALA B 190 17.88 7.91 -2.91
CA ALA B 190 17.45 7.19 -4.13
C ALA B 190 17.41 8.19 -5.29
N ASP B 191 17.83 7.82 -6.51
CA ASP B 191 17.53 8.67 -7.71
C ASP B 191 16.13 8.30 -8.23
N GLU B 192 15.56 9.18 -9.04
CA GLU B 192 14.28 9.03 -9.80
C GLU B 192 14.23 7.67 -10.51
N GLN B 193 15.36 7.14 -10.98
CA GLN B 193 15.41 5.78 -11.56
C GLN B 193 15.00 4.74 -10.50
N ASP B 194 15.49 4.87 -9.27
CA ASP B 194 15.22 3.86 -8.21
C ASP B 194 13.70 3.89 -7.90
N VAL B 195 12.96 4.84 -8.48
CA VAL B 195 11.64 5.24 -7.92
C VAL B 195 10.56 5.22 -9.00
N HIS B 196 10.87 5.72 -10.19
CA HIS B 196 9.88 6.21 -11.18
C HIS B 196 9.24 5.05 -11.93
N MET B 197 7.91 5.06 -11.95
CA MET B 197 7.07 4.18 -12.77
C MET B 197 6.18 5.10 -13.60
N HIS B 198 6.10 4.85 -14.90
CA HIS B 198 5.28 5.66 -15.81
C HIS B 198 3.84 5.18 -15.70
N ASP B 199 2.93 6.11 -15.37
CA ASP B 199 1.48 5.87 -15.46
C ASP B 199 1.13 4.60 -14.71
N PRO B 200 1.50 4.41 -13.43
CA PRO B 200 1.10 3.17 -12.76
C PRO B 200 -0.39 3.08 -12.45
N ARG B 201 -0.86 1.85 -12.28
CA ARG B 201 -2.19 1.55 -11.69
C ARG B 201 -2.09 1.36 -10.18
N LEU B 202 -3.16 1.71 -9.49
CA LEU B 202 -3.25 1.74 -8.01
C LEU B 202 -4.26 0.67 -7.61
N ILE B 203 -3.81 -0.31 -6.84
CA ILE B 203 -4.65 -1.41 -6.31
C ILE B 203 -4.63 -1.28 -4.79
N PRO B 204 -5.62 -0.62 -4.16
CA PRO B 204 -5.66 -0.55 -2.71
C PRO B 204 -5.89 -1.95 -2.11
N LEU B 205 -5.30 -2.25 -0.94
CA LEU B 205 -5.42 -3.59 -0.31
C LEU B 205 -6.09 -3.46 1.05
N LYS B 206 -5.59 -2.59 1.91
CA LYS B 206 -6.21 -2.46 3.25
C LYS B 206 -5.76 -1.16 3.89
N THR B 207 -6.70 -0.56 4.62
CA THR B 207 -6.50 0.69 5.39
C THR B 207 -7.00 0.43 6.81
N MET B 208 -6.25 0.89 7.81
CA MET B 208 -6.66 0.87 9.24
C MET B 208 -6.59 2.28 9.81
N THR B 209 -7.44 2.50 10.80
CA THR B 209 -7.68 3.81 11.41
C THR B 209 -7.90 3.57 12.91
N SER B 210 -6.83 3.65 13.71
CA SER B 210 -6.82 3.42 15.18
C SER B 210 -6.45 4.71 15.90
N ASP B 211 -6.57 4.73 17.21
CA ASP B 211 -6.04 5.82 18.08
C ASP B 211 -4.54 5.95 17.86
N ILE B 212 -3.80 4.84 17.69
CA ILE B 212 -2.30 4.84 17.74
C ILE B 212 -1.68 4.60 16.36
N LEU B 213 -2.32 3.85 15.45
CA LEU B 213 -1.73 3.49 14.12
C LEU B 213 -2.73 3.72 12.97
N LYS B 214 -2.39 4.71 12.12
CA LYS B 214 -3.05 4.98 10.83
C LYS B 214 -2.11 4.52 9.72
N MET B 215 -2.48 3.50 8.96
CA MET B 215 -1.59 2.95 7.91
C MET B 215 -2.48 2.42 6.79
N GLN B 216 -2.01 2.47 5.55
CA GLN B 216 -2.66 1.72 4.45
C GLN B 216 -1.61 1.05 3.57
N LEU B 217 -2.02 -0.06 2.95
CA LEU B 217 -1.19 -0.80 1.98
C LEU B 217 -1.90 -0.65 0.66
N TYR B 218 -1.18 -0.23 -0.37
CA TYR B 218 -1.67 -0.20 -1.76
C TYR B 218 -0.51 -0.59 -2.65
N VAL B 219 -0.85 -1.16 -3.80
CA VAL B 219 0.13 -1.59 -4.81
C VAL B 219 0.01 -0.62 -5.98
N GLU B 220 1.18 -0.27 -6.53
CA GLU B 220 1.36 0.43 -7.80
C GLU B 220 2.00 -0.58 -8.71
N GLU B 221 1.29 -0.94 -9.80
CA GLU B 221 1.87 -1.79 -10.90
C GLU B 221 2.13 -0.91 -12.13
N ARG B 222 3.25 -1.20 -12.79
CA ARG B 222 3.70 -0.57 -14.04
C ARG B 222 2.60 -0.81 -15.09
N ALA B 223 2.17 0.24 -15.82
CA ALA B 223 1.23 0.13 -16.96
C ALA B 223 1.48 -1.17 -17.75
N HIS B 224 2.72 -1.57 -18.04
CA HIS B 224 2.96 -2.83 -18.81
C HIS B 224 4.27 -3.58 -18.46
N LYS B 225 4.50 -4.70 -19.15
CA LYS B 225 5.74 -5.53 -19.14
C LYS B 225 6.41 -5.46 -20.52
N ARG C 27 14.50 18.78 -7.14
CA ARG C 27 14.67 17.28 -7.11
C ARG C 27 14.74 16.81 -5.65
N THR C 28 13.62 16.91 -4.91
CA THR C 28 13.52 16.75 -3.43
C THR C 28 14.08 15.39 -3.00
N ALA C 29 14.72 15.34 -1.82
CA ALA C 29 15.73 14.34 -1.39
C ALA C 29 15.27 13.65 -0.09
N ASN C 30 14.11 13.00 -0.12
CA ASN C 30 13.43 12.45 1.08
C ASN C 30 13.22 10.94 0.88
N ILE C 31 13.99 10.36 -0.03
CA ILE C 31 13.84 8.92 -0.34
C ILE C 31 15.15 8.23 -0.08
N LEU C 32 15.15 7.29 0.87
CA LEU C 32 16.38 6.58 1.30
C LEU C 32 16.27 5.10 0.89
N LYS C 33 17.38 4.49 0.48
CA LYS C 33 17.38 3.05 0.13
C LYS C 33 18.72 2.44 0.44
N PRO C 34 18.75 1.13 0.75
CA PRO C 34 20.00 0.46 1.03
C PRO C 34 20.80 0.56 -0.27
N LEU C 35 22.10 0.82 -0.15
CA LEU C 35 23.02 0.70 -1.30
C LEU C 35 23.04 -0.76 -1.76
N MET C 36 23.03 -1.68 -0.81
CA MET C 36 23.28 -3.10 -1.13
C MET C 36 22.02 -3.68 -1.77
N SER C 37 22.21 -4.61 -2.68
CA SER C 37 21.13 -5.46 -3.24
C SER C 37 20.91 -6.65 -2.32
N PRO C 38 19.66 -7.19 -2.23
CA PRO C 38 19.45 -8.50 -1.62
C PRO C 38 20.08 -9.62 -2.46
N PRO C 39 20.17 -10.85 -1.96
CA PRO C 39 20.77 -11.93 -2.76
C PRO C 39 19.94 -12.21 -4.01
N SER C 40 20.58 -12.41 -5.16
CA SER C 40 19.89 -12.70 -6.44
C SER C 40 19.27 -14.10 -6.34
N ARG C 41 18.14 -14.29 -7.02
CA ARG C 41 17.58 -15.61 -7.33
C ARG C 41 18.59 -16.34 -8.21
N GLU C 42 19.45 -17.14 -7.56
CA GLU C 42 20.71 -17.69 -8.10
C GLU C 42 21.56 -17.97 -6.87
N GLU C 43 22.03 -16.89 -6.22
CA GLU C 43 22.81 -16.95 -4.96
C GLU C 43 22.14 -17.94 -4.01
N ILE C 44 20.81 -17.90 -3.92
CA ILE C 44 20.01 -18.67 -2.92
C ILE C 44 19.95 -20.14 -3.30
N MET C 45 19.73 -20.49 -4.58
CA MET C 45 19.81 -21.90 -5.04
C MET C 45 21.27 -22.23 -5.40
N ALA C 46 22.15 -22.35 -4.39
CA ALA C 46 23.63 -22.25 -4.53
C ALA C 46 24.23 -23.52 -5.15
#